data_7IAQ
#
_entry.id   7IAQ
#
_cell.length_a   60.560
_cell.length_b   60.560
_cell.length_c   215.500
_cell.angle_alpha   90.00
_cell.angle_beta   90.00
_cell.angle_gamma   90.00
#
_symmetry.space_group_name_H-M   'P 43 21 2'
#
loop_
_entity.id
_entity.type
_entity.pdbx_description
1 polymer 'NS2B co-factor'
2 polymer 'NS3 protease'
3 non-polymer (1S,3S)-3-ethoxy-7-azaspiro[3.5]nonan-1-ol
4 water water
#
loop_
_entity_poly.entity_id
_entity_poly.type
_entity_poly.pdbx_seq_one_letter_code
_entity_poly.pdbx_strand_id
1 'polypeptide(L)' MTGKSVDMYIERAGDITWEKDAEVTGNSPRLDVALDESGDFSLVEEDGPPMRE A,C
2 'polypeptide(L)'
;GALWDVPAPKEVKKGETTDGVYRVMTRRLLGSTQVGVGVMQEGVFHTMWHVTKGAALRSGEGRLDPYWGDVKQDLVSYCG
PWKLDAAWDGLSEVQLLAVPPGERAKNIQTLPGIFKTKDGDIGAVALDYPAGTSGSPILDKSGRVIGLYGNGVVIKNGSY
VSAITQGKREEETPVE
;
B,D
#
loop_
_chem_comp.id
_chem_comp.type
_chem_comp.name
_chem_comp.formula
A1CD2 non-polymer (1S,3S)-3-ethoxy-7-azaspiro[3.5]nonan-1-ol 'C10 H19 N O2'
#
# COMPACT_ATOMS: atom_id res chain seq x y z
N VAL A 6 19.45 3.91 14.63
CA VAL A 6 18.14 3.44 14.16
C VAL A 6 17.52 2.59 15.27
N ASP A 7 16.31 2.95 15.71
CA ASP A 7 15.54 2.09 16.60
C ASP A 7 14.17 1.76 16.00
N MET A 8 13.78 0.53 16.23
CA MET A 8 12.49 -0.03 15.85
C MET A 8 11.58 0.03 17.05
N TYR A 9 10.30 0.31 16.82
CA TYR A 9 9.33 0.34 17.90
C TYR A 9 8.01 -0.22 17.41
N ILE A 10 7.12 -0.56 18.34
CA ILE A 10 5.84 -1.17 17.98
C ILE A 10 4.70 -0.30 18.52
N GLU A 11 3.59 -0.32 17.79
CA GLU A 11 2.36 0.38 18.13
C GLU A 11 1.18 -0.56 17.91
N ARG A 12 0.28 -0.66 18.89
CA ARG A 12 -0.86 -1.57 18.75
C ARG A 12 -1.76 -1.09 17.62
N ALA A 13 -2.29 -2.02 16.84
CA ALA A 13 -3.16 -1.66 15.72
C ALA A 13 -4.52 -2.34 15.76
N GLY A 14 -4.74 -3.30 16.65
CA GLY A 14 -6.05 -3.90 16.76
C GLY A 14 -6.02 -5.19 17.52
N ASP A 15 -7.23 -5.71 17.76
CA ASP A 15 -7.51 -7.01 18.30
C ASP A 15 -7.32 -8.05 17.21
N ILE A 16 -7.04 -9.28 17.62
CA ILE A 16 -7.00 -10.38 16.66
C ILE A 16 -8.37 -11.04 16.69
N THR A 17 -9.19 -10.73 15.68
N THR A 17 -9.21 -10.71 15.69
CA THR A 17 -10.56 -11.22 15.64
CA THR A 17 -10.57 -11.19 15.62
C THR A 17 -10.98 -11.51 14.21
C THR A 17 -10.94 -11.54 14.19
N TRP A 18 -11.75 -12.59 14.06
CA TRP A 18 -12.45 -12.86 12.80
C TRP A 18 -13.57 -11.84 12.63
N GLU A 19 -13.72 -11.33 11.39
CA GLU A 19 -14.74 -10.32 11.06
C GLU A 19 -15.78 -10.95 10.14
N LYS A 20 -17.05 -10.90 10.54
CA LYS A 20 -18.08 -11.57 9.77
C LYS A 20 -18.26 -10.96 8.38
N ASP A 21 -18.13 -9.64 8.25
CA ASP A 21 -18.39 -8.94 7.00
C ASP A 21 -17.10 -8.60 6.23
N ALA A 22 -16.10 -9.46 6.30
CA ALA A 22 -14.88 -9.18 5.56
C ALA A 22 -15.10 -9.31 4.06
N GLU A 23 -14.45 -8.42 3.32
CA GLU A 23 -14.17 -8.61 1.90
C GLU A 23 -13.55 -9.98 1.64
N VAL A 24 -13.93 -10.57 0.50
CA VAL A 24 -13.47 -11.89 0.09
C VAL A 24 -12.84 -11.80 -1.30
N THR A 25 -11.62 -12.32 -1.46
CA THR A 25 -10.92 -12.22 -2.73
C THR A 25 -9.72 -13.18 -2.76
N GLY A 26 -9.18 -13.38 -3.95
CA GLY A 26 -7.96 -14.16 -4.10
C GLY A 26 -8.22 -15.58 -4.57
N ASN A 27 -7.31 -16.11 -5.39
N ASN A 27 -7.26 -16.10 -5.34
CA ASN A 27 -7.46 -17.47 -5.88
CA ASN A 27 -7.32 -17.47 -5.84
C ASN A 27 -6.63 -18.42 -5.01
C ASN A 27 -6.71 -18.45 -4.84
N SER A 28 -6.68 -19.72 -5.34
N SER A 28 -6.62 -19.73 -5.25
CA SER A 28 -6.13 -20.78 -4.50
CA SER A 28 -6.09 -20.81 -4.41
C SER A 28 -5.20 -21.67 -5.32
C SER A 28 -5.16 -21.70 -5.24
N PRO A 29 -4.07 -21.13 -5.73
CA PRO A 29 -3.18 -21.89 -6.62
C PRO A 29 -2.46 -23.04 -5.91
N ARG A 30 -2.23 -24.11 -6.66
CA ARG A 30 -1.44 -25.25 -6.18
C ARG A 30 -0.08 -25.22 -6.89
N LEU A 31 0.96 -25.10 -6.12
CA LEU A 31 2.31 -24.83 -6.62
C LEU A 31 3.29 -25.78 -5.99
N ASP A 32 4.17 -26.35 -6.81
CA ASP A 32 5.35 -27.06 -6.32
C ASP A 32 6.44 -26.06 -6.01
N VAL A 33 7.00 -26.12 -4.80
CA VAL A 33 8.05 -25.17 -4.40
C VAL A 33 9.10 -25.89 -3.58
N ALA A 34 10.29 -25.27 -3.50
CA ALA A 34 11.39 -25.70 -2.63
C ALA A 34 11.78 -24.54 -1.72
N LEU A 35 12.26 -24.86 -0.52
CA LEU A 35 12.64 -23.84 0.46
C LEU A 35 14.12 -24.04 0.77
N ASP A 36 14.93 -23.02 0.52
CA ASP A 36 16.36 -23.19 0.69
C ASP A 36 16.78 -22.77 2.09
N GLU A 37 18.09 -22.83 2.31
CA GLU A 37 18.67 -22.59 3.62
C GLU A 37 18.47 -21.14 4.08
N SER A 38 18.36 -20.22 3.15
CA SER A 38 18.17 -18.81 3.48
C SER A 38 16.70 -18.42 3.67
N GLY A 39 15.80 -19.39 3.70
CA GLY A 39 14.39 -19.13 3.86
C GLY A 39 13.66 -18.69 2.61
N ASP A 40 14.27 -18.85 1.43
CA ASP A 40 13.64 -18.41 0.18
C ASP A 40 12.90 -19.58 -0.47
N PHE A 41 11.64 -19.34 -0.79
CA PHE A 41 10.88 -20.26 -1.60
C PHE A 41 11.19 -20.01 -3.07
N SER A 42 11.30 -21.08 -3.86
CA SER A 42 11.34 -20.97 -5.31
C SER A 42 10.45 -22.03 -5.92
N LEU A 43 10.03 -21.79 -7.16
CA LEU A 43 9.23 -22.78 -7.89
C LEU A 43 10.08 -23.96 -8.34
N VAL A 44 9.42 -25.11 -8.44
CA VAL A 44 10.05 -26.34 -8.87
C VAL A 44 9.21 -26.89 -10.00
N GLU A 45 9.87 -27.55 -10.96
CA GLU A 45 9.16 -28.26 -12.01
C GLU A 45 9.68 -29.70 -12.12
N THR B 17 2.35 -4.66 26.00
CA THR B 17 2.25 -6.07 26.37
C THR B 17 0.86 -6.66 26.11
N THR B 18 -0.13 -5.80 25.83
CA THR B 18 -1.50 -6.25 25.57
C THR B 18 -1.55 -7.17 24.34
N ASP B 19 -2.38 -8.20 24.42
CA ASP B 19 -2.62 -9.05 23.25
C ASP B 19 -3.10 -8.21 22.07
N GLY B 20 -2.63 -8.54 20.87
CA GLY B 20 -3.16 -7.88 19.70
C GLY B 20 -2.20 -7.92 18.52
N VAL B 21 -2.59 -7.23 17.45
CA VAL B 21 -1.73 -7.03 16.29
C VAL B 21 -1.11 -5.63 16.33
N TYR B 22 0.17 -5.54 15.96
CA TYR B 22 0.99 -4.36 16.16
C TYR B 22 1.71 -4.02 14.86
N ARG B 23 1.85 -2.71 14.57
CA ARG B 23 2.77 -2.22 13.56
C ARG B 23 4.20 -2.27 14.07
N VAL B 24 5.15 -2.61 13.20
CA VAL B 24 6.58 -2.49 13.48
C VAL B 24 7.12 -1.33 12.66
N MET B 25 7.64 -0.31 13.35
CA MET B 25 8.00 0.98 12.80
C MET B 25 9.50 1.19 12.93
N THR B 26 10.09 2.04 12.07
CA THR B 26 11.49 2.43 12.19
C THR B 26 11.65 3.93 12.03
N ARG B 27 12.68 4.45 12.68
CA ARG B 27 13.16 5.80 12.44
C ARG B 27 14.60 5.77 11.93
N GLY B 31 12.22 10.94 9.76
CA GLY B 31 10.84 10.46 9.76
C GLY B 31 10.67 8.98 10.08
N SER B 32 9.42 8.51 10.10
CA SER B 32 9.09 7.14 10.47
C SER B 32 8.47 6.38 9.30
N THR B 33 8.64 5.07 9.34
CA THR B 33 8.31 4.17 8.24
C THR B 33 7.88 2.85 8.86
N GLN B 34 6.82 2.23 8.32
CA GLN B 34 6.34 0.93 8.78
C GLN B 34 7.08 -0.17 8.00
N VAL B 35 7.81 -1.01 8.72
CA VAL B 35 8.56 -2.07 8.08
C VAL B 35 7.86 -3.42 8.20
N GLY B 36 6.88 -3.55 9.08
CA GLY B 36 6.20 -4.83 9.22
C GLY B 36 5.13 -4.77 10.27
N VAL B 37 4.69 -5.95 10.69
CA VAL B 37 3.56 -6.18 11.57
C VAL B 37 3.95 -7.38 12.46
N GLY B 38 3.34 -7.45 13.64
CA GLY B 38 3.51 -8.64 14.46
C GLY B 38 2.35 -8.88 15.40
N VAL B 39 2.43 -9.99 16.12
CA VAL B 39 1.38 -10.48 17.00
C VAL B 39 1.93 -10.57 18.40
N MET B 40 1.28 -9.89 19.34
CA MET B 40 1.53 -10.08 20.77
C MET B 40 0.55 -11.13 21.28
N GLN B 41 1.07 -12.21 21.87
CA GLN B 41 0.20 -13.20 22.49
C GLN B 41 0.94 -13.82 23.68
N GLU B 42 0.22 -13.97 24.80
CA GLU B 42 0.77 -14.56 26.02
C GLU B 42 2.11 -13.92 26.40
N GLY B 43 2.22 -12.61 26.25
CA GLY B 43 3.41 -11.88 26.64
C GLY B 43 4.58 -11.98 25.69
N VAL B 44 4.39 -12.55 24.49
CA VAL B 44 5.47 -12.78 23.55
C VAL B 44 5.09 -12.07 22.25
N PHE B 45 6.05 -11.38 21.65
CA PHE B 45 5.85 -10.71 20.37
C PHE B 45 6.44 -11.56 19.25
N HIS B 46 5.61 -11.80 18.23
CA HIS B 46 5.88 -12.70 17.11
C HIS B 46 5.89 -11.90 15.81
N THR B 47 6.95 -12.06 15.00
CA THR B 47 7.00 -11.42 13.70
C THR B 47 7.94 -12.24 12.81
N MET B 48 8.18 -11.75 11.59
CA MET B 48 8.99 -12.46 10.63
C MET B 48 10.43 -11.96 10.72
N TRP B 49 11.37 -12.89 10.56
CA TRP B 49 12.76 -12.54 10.78
C TRP B 49 13.18 -11.40 9.87
N HIS B 50 12.74 -11.44 8.59
CA HIS B 50 13.20 -10.43 7.63
C HIS B 50 12.64 -9.05 7.96
N VAL B 51 11.68 -8.95 8.89
CA VAL B 51 11.17 -7.63 9.24
C VAL B 51 12.13 -6.91 10.18
N THR B 52 12.70 -7.63 11.15
CA THR B 52 13.53 -6.97 12.17
C THR B 52 14.99 -7.37 12.14
N LYS B 53 15.31 -8.46 11.47
CA LYS B 53 16.64 -9.06 11.52
C LYS B 53 17.09 -9.30 12.95
N GLY B 54 16.15 -9.53 13.86
CA GLY B 54 16.52 -9.80 15.24
C GLY B 54 16.89 -8.58 16.05
N ALA B 55 16.71 -7.38 15.54
CA ALA B 55 17.02 -6.21 16.34
C ALA B 55 16.08 -6.11 17.54
N ALA B 56 16.55 -5.49 18.61
CA ALA B 56 15.68 -5.19 19.74
C ALA B 56 14.56 -4.22 19.32
N LEU B 57 13.43 -4.28 20.05
CA LEU B 57 12.29 -3.41 19.79
C LEU B 57 11.92 -2.60 21.01
N ARG B 58 11.51 -1.36 20.77
CA ARG B 58 10.99 -0.51 21.82
C ARG B 58 9.48 -0.65 21.84
N SER B 59 8.92 -0.67 23.04
CA SER B 59 7.47 -0.67 23.25
C SER B 59 7.19 0.40 24.31
N GLY B 60 6.95 1.62 23.85
CA GLY B 60 6.85 2.74 24.75
C GLY B 60 8.19 2.96 25.42
N GLU B 61 8.22 2.96 26.74
CA GLU B 61 9.47 3.06 27.49
C GLU B 61 10.21 1.71 27.57
N GLY B 62 9.54 0.58 27.33
CA GLY B 62 10.15 -0.71 27.54
C GLY B 62 10.88 -1.23 26.33
N ARG B 63 11.74 -2.21 26.55
CA ARG B 63 12.49 -2.85 25.48
C ARG B 63 12.15 -4.33 25.39
N LEU B 64 11.99 -4.82 24.16
CA LEU B 64 11.82 -6.25 23.89
C LEU B 64 13.08 -6.78 23.23
N ASP B 65 13.67 -7.82 23.79
CA ASP B 65 14.84 -8.43 23.21
C ASP B 65 14.49 -9.75 22.52
N PRO B 66 15.18 -10.07 21.42
CA PRO B 66 14.92 -11.34 20.72
C PRO B 66 15.22 -12.53 21.64
N TYR B 67 14.42 -13.58 21.52
CA TYR B 67 14.48 -14.78 22.34
C TYR B 67 14.73 -16.05 21.54
N TRP B 68 14.10 -16.16 20.38
CA TRP B 68 14.25 -17.28 19.44
C TRP B 68 14.14 -16.72 18.03
N GLY B 69 14.98 -17.19 17.11
CA GLY B 69 14.87 -16.80 15.72
C GLY B 69 15.37 -17.91 14.80
N ASP B 70 14.86 -17.92 13.57
CA ASP B 70 15.23 -18.92 12.59
C ASP B 70 15.08 -18.33 11.18
N VAL B 71 16.21 -18.15 10.50
CA VAL B 71 16.20 -17.58 9.16
C VAL B 71 15.46 -18.47 8.18
N LYS B 72 15.58 -19.80 8.33
CA LYS B 72 14.95 -20.65 7.32
C LYS B 72 13.43 -20.59 7.44
N GLN B 73 12.89 -20.59 8.67
CA GLN B 73 11.46 -20.40 8.83
C GLN B 73 11.06 -18.95 8.64
N ASP B 74 12.02 -18.03 8.71
CA ASP B 74 11.76 -16.60 8.62
C ASP B 74 10.86 -16.11 9.76
N LEU B 75 11.17 -16.54 10.99
CA LEU B 75 10.37 -16.14 12.15
C LEU B 75 11.29 -15.72 13.29
N VAL B 76 10.74 -14.94 14.22
CA VAL B 76 11.47 -14.48 15.40
C VAL B 76 10.44 -14.17 16.48
N SER B 77 10.82 -14.46 17.74
CA SER B 77 9.98 -14.15 18.88
C SER B 77 10.80 -13.37 19.89
N TYR B 78 10.09 -12.50 20.61
CA TYR B 78 10.62 -11.55 21.59
C TYR B 78 10.00 -11.82 22.95
N CYS B 79 10.84 -11.84 23.98
CA CYS B 79 10.47 -11.92 25.39
C CYS B 79 10.13 -13.36 25.81
N GLY B 80 10.08 -14.31 24.90
CA GLY B 80 9.76 -15.67 25.24
C GLY B 80 9.68 -16.53 24.00
N PRO B 81 9.42 -17.82 24.17
CA PRO B 81 9.38 -18.73 23.03
C PRO B 81 8.12 -18.53 22.22
N TRP B 82 8.19 -18.96 20.96
CA TRP B 82 7.07 -18.91 20.03
C TRP B 82 5.83 -19.60 20.60
N LYS B 83 4.69 -18.87 20.64
CA LYS B 83 3.49 -19.37 21.30
C LYS B 83 2.38 -19.80 20.34
N LEU B 84 2.46 -19.45 19.08
CA LEU B 84 1.36 -19.69 18.15
C LEU B 84 1.50 -21.09 17.56
N ASP B 85 0.46 -21.91 17.73
CA ASP B 85 0.52 -23.29 17.27
C ASP B 85 -0.65 -23.76 16.42
N ALA B 86 -1.67 -22.95 16.17
CA ALA B 86 -2.78 -23.38 15.33
C ALA B 86 -2.35 -23.55 13.86
N ALA B 87 -3.06 -24.42 13.14
CA ALA B 87 -2.71 -24.78 11.76
C ALA B 87 -3.94 -24.77 10.87
N TRP B 88 -3.75 -24.33 9.62
CA TRP B 88 -4.81 -24.41 8.61
C TRP B 88 -5.31 -25.83 8.54
N ASP B 89 -6.63 -25.99 8.35
CA ASP B 89 -7.28 -27.30 8.29
C ASP B 89 -7.30 -27.90 6.88
N GLY B 90 -6.80 -27.20 5.87
CA GLY B 90 -6.76 -27.69 4.52
C GLY B 90 -8.05 -27.55 3.71
N LEU B 91 -9.15 -27.05 4.31
CA LEU B 91 -10.43 -27.00 3.60
C LEU B 91 -11.11 -25.64 3.66
N SER B 92 -10.98 -24.94 4.77
CA SER B 92 -11.80 -23.79 5.11
C SER B 92 -11.15 -22.50 4.66
N GLU B 93 -12.00 -21.49 4.42
CA GLU B 93 -11.49 -20.15 4.19
C GLU B 93 -10.84 -19.59 5.46
N VAL B 94 -9.91 -18.66 5.25
CA VAL B 94 -9.19 -18.05 6.35
C VAL B 94 -9.31 -16.53 6.15
N GLN B 95 -8.78 -15.77 7.12
CA GLN B 95 -8.75 -14.31 7.00
C GLN B 95 -7.34 -13.78 7.26
N LEU B 96 -6.82 -13.02 6.31
CA LEU B 96 -5.63 -12.21 6.55
C LEU B 96 -6.05 -10.98 7.31
N LEU B 97 -5.50 -10.79 8.51
CA LEU B 97 -5.70 -9.53 9.24
C LEU B 97 -4.57 -8.60 8.84
N ALA B 98 -4.78 -7.93 7.70
CA ALA B 98 -3.77 -7.07 7.12
C ALA B 98 -3.69 -5.76 7.88
N VAL B 99 -2.48 -5.29 8.16
CA VAL B 99 -2.28 -3.96 8.75
C VAL B 99 -1.35 -3.17 7.84
N PRO B 100 -1.85 -2.61 6.74
CA PRO B 100 -0.97 -1.94 5.78
C PRO B 100 -0.50 -0.60 6.34
N PRO B 101 0.66 -0.10 5.90
CA PRO B 101 1.06 1.25 6.31
C PRO B 101 -0.05 2.25 6.03
N GLY B 102 -0.34 3.10 7.02
CA GLY B 102 -1.25 4.22 6.85
C GLY B 102 -2.70 3.83 6.80
N GLU B 103 -3.05 2.60 7.18
CA GLU B 103 -4.41 2.11 6.99
C GLU B 103 -4.81 1.32 8.23
N ARG B 104 -6.08 1.44 8.59
CA ARG B 104 -6.61 0.68 9.72
C ARG B 104 -6.51 -0.81 9.45
N ALA B 105 -6.32 -1.60 10.51
CA ALA B 105 -6.32 -3.05 10.38
C ALA B 105 -7.61 -3.51 9.71
N LYS B 106 -7.51 -4.42 8.74
CA LYS B 106 -8.70 -4.86 8.00
C LYS B 106 -8.61 -6.34 7.67
N ASN B 107 -9.76 -7.01 7.66
CA ASN B 107 -9.78 -8.46 7.43
C ASN B 107 -10.10 -8.76 5.96
N ILE B 108 -9.34 -9.69 5.39
CA ILE B 108 -9.47 -10.10 3.99
C ILE B 108 -9.62 -11.61 4.00
N GLN B 109 -10.78 -12.11 3.61
CA GLN B 109 -11.07 -13.54 3.64
C GLN B 109 -10.72 -14.20 2.31
N THR B 110 -10.21 -15.44 2.36
CA THR B 110 -9.73 -16.11 1.16
C THR B 110 -9.70 -17.61 1.43
N LEU B 111 -9.77 -18.40 0.35
CA LEU B 111 -9.44 -19.82 0.40
C LEU B 111 -7.97 -20.02 0.07
N PRO B 112 -7.13 -20.53 0.98
CA PRO B 112 -5.70 -20.74 0.62
C PRO B 112 -5.54 -21.73 -0.51
N GLY B 113 -4.51 -21.51 -1.31
CA GLY B 113 -3.94 -22.54 -2.14
C GLY B 113 -2.91 -23.32 -1.32
N ILE B 114 -2.03 -24.03 -2.03
CA ILE B 114 -1.11 -24.96 -1.36
C ILE B 114 0.30 -24.83 -1.95
N PHE B 115 1.31 -24.73 -1.08
CA PHE B 115 2.72 -24.97 -1.43
C PHE B 115 3.00 -26.46 -1.20
N LYS B 116 3.30 -27.20 -2.27
CA LYS B 116 3.65 -28.60 -2.17
C LYS B 116 5.17 -28.72 -2.11
N THR B 117 5.71 -29.22 -1.01
CA THR B 117 7.15 -29.33 -0.84
C THR B 117 7.54 -30.76 -0.53
N LYS B 118 8.83 -31.03 -0.67
CA LYS B 118 9.33 -32.37 -0.37
C LYS B 118 9.11 -32.75 1.08
N ASP B 119 8.82 -31.79 1.96
CA ASP B 119 8.52 -32.08 3.35
C ASP B 119 7.05 -31.88 3.71
N GLY B 120 6.17 -31.87 2.72
CA GLY B 120 4.76 -31.75 2.97
C GLY B 120 4.21 -30.42 2.47
N ASP B 121 2.89 -30.29 2.61
CA ASP B 121 2.13 -29.17 2.07
C ASP B 121 2.03 -28.06 3.11
N ILE B 122 1.96 -26.83 2.63
CA ILE B 122 1.84 -25.63 3.45
C ILE B 122 0.73 -24.81 2.83
N GLY B 123 -0.12 -24.20 3.65
CA GLY B 123 -1.12 -23.29 3.12
C GLY B 123 -0.48 -22.05 2.54
N ALA B 124 -1.14 -21.47 1.54
CA ALA B 124 -0.61 -20.26 0.90
C ALA B 124 -1.74 -19.34 0.47
N VAL B 125 -1.57 -18.03 0.63
CA VAL B 125 -2.63 -17.08 0.25
C VAL B 125 -2.14 -16.20 -0.89
N ALA B 126 -2.97 -16.09 -1.93
CA ALA B 126 -2.67 -15.39 -3.16
C ALA B 126 -3.16 -13.94 -3.03
N LEU B 127 -2.56 -13.25 -2.08
CA LEU B 127 -2.88 -11.88 -1.75
C LEU B 127 -1.61 -11.05 -1.76
N ASP B 128 -1.71 -9.83 -2.29
CA ASP B 128 -0.54 -8.99 -2.58
C ASP B 128 -0.71 -7.61 -1.94
N TYR B 129 -0.14 -7.42 -0.75
CA TYR B 129 -0.20 -6.17 -0.01
C TYR B 129 1.20 -5.58 0.13
N PRO B 130 1.31 -4.29 0.47
CA PRO B 130 2.64 -3.65 0.57
C PRO B 130 3.58 -4.37 1.53
N ALA B 131 4.90 -4.17 1.31
CA ALA B 131 5.89 -4.95 2.05
C ALA B 131 5.82 -4.69 3.56
N GLY B 132 5.41 -3.47 3.95
CA GLY B 132 5.22 -3.09 5.35
C GLY B 132 4.14 -3.89 6.05
N THR B 133 3.41 -4.74 5.30
CA THR B 133 2.37 -5.63 5.81
C THR B 133 2.94 -6.98 6.26
N SER B 134 4.19 -7.28 5.94
CA SER B 134 4.83 -8.53 6.36
C SER B 134 4.76 -8.71 7.88
N GLY B 135 4.36 -9.90 8.31
CA GLY B 135 4.12 -10.17 9.72
C GLY B 135 2.67 -10.16 10.11
N SER B 136 1.78 -9.74 9.21
CA SER B 136 0.36 -9.72 9.52
C SER B 136 -0.14 -11.14 9.75
N PRO B 137 -1.01 -11.35 10.73
CA PRO B 137 -1.48 -12.70 11.05
C PRO B 137 -2.58 -13.16 10.12
N ILE B 138 -2.59 -14.46 9.89
CA ILE B 138 -3.64 -15.17 9.17
C ILE B 138 -4.40 -15.99 10.21
N LEU B 139 -5.72 -15.84 10.22
CA LEU B 139 -6.60 -16.41 11.22
C LEU B 139 -7.48 -17.52 10.67
N ASP B 140 -7.84 -18.46 11.55
CA ASP B 140 -8.91 -19.40 11.26
C ASP B 140 -10.25 -18.85 11.79
N LYS B 141 -11.34 -19.58 11.54
CA LYS B 141 -12.66 -19.10 11.93
C LYS B 141 -12.82 -18.96 13.45
N SER B 142 -12.08 -19.74 14.23
CA SER B 142 -12.09 -19.57 15.67
C SER B 142 -11.34 -18.33 16.14
N GLY B 143 -10.66 -17.62 15.23
CA GLY B 143 -9.87 -16.47 15.62
C GLY B 143 -8.45 -16.77 16.04
N ARG B 144 -8.00 -18.02 15.89
CA ARG B 144 -6.62 -18.40 16.20
C ARG B 144 -5.66 -18.02 15.07
N VAL B 145 -4.43 -17.60 15.42
CA VAL B 145 -3.43 -17.29 14.42
C VAL B 145 -2.80 -18.60 13.92
N ILE B 146 -3.01 -18.90 12.63
CA ILE B 146 -2.46 -20.11 11.97
C ILE B 146 -1.16 -19.84 11.23
N GLY B 147 -0.72 -18.60 11.16
CA GLY B 147 0.58 -18.28 10.59
C GLY B 147 0.68 -16.80 10.31
N LEU B 148 1.85 -16.40 9.75
CA LEU B 148 2.12 -15.00 9.43
C LEU B 148 2.33 -14.83 7.92
N TYR B 149 1.94 -13.66 7.43
CA TYR B 149 1.94 -13.30 6.00
C TYR B 149 3.25 -12.59 5.62
N GLY B 150 3.83 -12.97 4.48
CA GLY B 150 4.96 -12.19 3.96
C GLY B 150 6.24 -12.91 3.55
N ASN B 151 6.25 -14.23 3.53
CA ASN B 151 7.33 -14.97 2.90
C ASN B 151 6.70 -15.87 1.85
N GLY B 152 7.06 -15.66 0.60
CA GLY B 152 6.48 -16.41 -0.49
C GLY B 152 7.23 -16.44 -1.78
N VAL B 153 6.49 -16.64 -2.88
CA VAL B 153 7.03 -16.78 -4.23
C VAL B 153 6.17 -15.95 -5.17
N VAL B 154 6.70 -15.76 -6.38
CA VAL B 154 6.04 -15.04 -7.48
C VAL B 154 5.76 -16.04 -8.60
N ILE B 155 4.52 -16.05 -9.07
CA ILE B 155 4.15 -16.96 -10.16
C ILE B 155 4.07 -16.26 -11.52
N SER B 159 2.26 -12.36 -10.10
CA SER B 159 1.60 -12.16 -8.82
C SER B 159 2.29 -12.87 -7.64
N TYR B 160 2.19 -12.27 -6.48
CA TYR B 160 2.81 -12.80 -5.26
C TYR B 160 1.87 -13.76 -4.56
N VAL B 161 2.43 -14.83 -4.02
CA VAL B 161 1.69 -15.81 -3.22
C VAL B 161 2.52 -16.04 -1.96
N SER B 162 1.90 -15.86 -0.79
CA SER B 162 2.57 -15.94 0.50
C SER B 162 2.29 -17.28 1.15
N ALA B 163 3.34 -17.93 1.65
CA ALA B 163 3.10 -19.07 2.54
C ALA B 163 2.31 -18.62 3.78
N ILE B 164 1.53 -19.53 4.34
CA ILE B 164 1.03 -19.36 5.74
C ILE B 164 2.14 -19.92 6.65
N THR B 165 3.00 -19.05 7.17
CA THR B 165 4.18 -19.45 7.91
C THR B 165 3.88 -19.56 9.41
N GLN B 166 3.96 -20.75 9.96
CA GLN B 166 3.70 -20.99 11.38
C GLN B 166 4.94 -21.59 12.00
N GLY B 167 5.18 -21.30 13.29
CA GLY B 167 6.32 -21.82 14.00
C GLY B 167 5.94 -23.05 14.81
N LYS B 168 6.79 -23.40 15.77
CA LYS B 168 6.57 -24.55 16.62
C LYS B 168 6.54 -24.12 18.08
N ARG B 169 5.53 -24.58 18.80
CA ARG B 169 5.41 -24.34 20.24
C ARG B 169 5.71 -25.63 21.00
N VAL C 6 -13.91 27.12 3.80
CA VAL C 6 -14.80 26.02 4.18
C VAL C 6 -14.03 24.98 5.03
N ASP C 7 -14.19 23.69 4.73
CA ASP C 7 -13.74 22.63 5.63
C ASP C 7 -12.37 22.05 5.29
N MET C 8 -11.76 22.41 4.15
CA MET C 8 -10.50 21.83 3.71
C MET C 8 -9.42 22.88 3.52
N TYR C 9 -8.18 22.52 3.82
CA TYR C 9 -7.04 23.39 3.61
C TYR C 9 -5.88 22.59 3.03
N ILE C 10 -4.93 23.31 2.44
CA ILE C 10 -3.74 22.72 1.82
C ILE C 10 -2.53 23.15 2.64
N GLU C 11 -1.57 22.25 2.80
CA GLU C 11 -0.29 22.60 3.42
C GLU C 11 0.84 21.99 2.61
N ARG C 12 1.97 22.70 2.60
CA ARG C 12 3.08 22.30 1.74
C ARG C 12 3.64 20.95 2.18
N ALA C 13 4.09 20.15 1.21
CA ALA C 13 4.69 18.85 1.49
C ALA C 13 6.01 18.59 0.76
N GLY C 14 6.46 19.47 -0.13
CA GLY C 14 7.76 19.32 -0.75
C GLY C 14 7.84 20.00 -2.09
N ASP C 15 9.07 20.01 -2.66
CA ASP C 15 9.29 20.43 -4.04
C ASP C 15 8.98 19.25 -4.96
N ILE C 16 8.80 19.53 -6.25
CA ILE C 16 8.55 18.48 -7.24
C ILE C 16 9.85 18.24 -8.01
N THR C 17 10.46 17.08 -7.78
CA THR C 17 11.74 16.76 -8.42
C THR C 17 11.85 15.26 -8.65
N TRP C 18 12.48 14.91 -9.76
CA TRP C 18 12.98 13.56 -9.97
C TRP C 18 14.12 13.28 -9.00
N GLU C 19 14.14 12.07 -8.44
CA GLU C 19 15.20 11.67 -7.51
C GLU C 19 16.07 10.60 -8.17
N LYS C 20 17.35 10.90 -8.34
CA LYS C 20 18.21 10.00 -9.12
C LYS C 20 18.31 8.62 -8.50
N ASP C 21 18.44 8.53 -7.18
CA ASP C 21 18.68 7.20 -6.61
C ASP C 21 17.42 6.65 -5.96
N ALA C 22 16.33 6.65 -6.71
CA ALA C 22 15.07 6.15 -6.17
C ALA C 22 14.96 4.65 -6.39
N GLU C 23 14.33 4.00 -5.42
CA GLU C 23 13.93 2.60 -5.55
C GLU C 23 13.02 2.39 -6.74
N VAL C 24 13.24 1.28 -7.44
CA VAL C 24 12.39 0.86 -8.56
C VAL C 24 11.54 -0.30 -8.09
N THR C 25 10.23 -0.24 -8.33
CA THR C 25 9.37 -1.34 -7.94
C THR C 25 8.06 -1.30 -8.73
N GLY C 26 7.33 -2.40 -8.64
CA GLY C 26 6.05 -2.53 -9.31
C GLY C 26 6.18 -3.26 -10.64
N ASN C 27 5.09 -3.94 -11.03
CA ASN C 27 5.06 -4.57 -12.35
C ASN C 27 4.42 -3.61 -13.36
N SER C 28 4.19 -4.10 -14.58
CA SER C 28 3.72 -3.27 -15.69
C SER C 28 2.52 -3.94 -16.35
N PRO C 29 1.39 -3.99 -15.65
CA PRO C 29 0.28 -4.81 -16.14
C PRO C 29 -0.46 -4.20 -17.32
N ARG C 30 -0.96 -5.05 -18.20
CA ARG C 30 -1.75 -4.61 -19.34
C ARG C 30 -3.18 -5.10 -19.10
N LEU C 31 -4.09 -4.18 -18.84
CA LEU C 31 -5.41 -4.48 -18.29
C LEU C 31 -6.50 -3.87 -19.16
N ASP C 32 -7.55 -4.64 -19.41
CA ASP C 32 -8.75 -4.13 -20.04
C ASP C 32 -9.69 -3.57 -18.98
N VAL C 33 -10.01 -2.28 -19.10
CA VAL C 33 -10.86 -1.59 -18.15
C VAL C 33 -11.93 -0.79 -18.87
N ALA C 34 -12.97 -0.43 -18.13
CA ALA C 34 -14.00 0.51 -18.55
C ALA C 34 -14.01 1.70 -17.61
N LEU C 35 -14.39 2.86 -18.14
CA LEU C 35 -14.57 4.08 -17.36
C LEU C 35 -16.03 4.49 -17.45
N ASP C 36 -16.75 4.48 -16.34
CA ASP C 36 -18.16 4.86 -16.43
C ASP C 36 -18.28 6.38 -16.33
N GLU C 37 -19.51 6.88 -16.56
CA GLU C 37 -19.76 8.32 -16.61
C GLU C 37 -19.51 8.98 -15.26
N SER C 38 -19.47 8.21 -14.18
CA SER C 38 -19.10 8.68 -12.84
C SER C 38 -17.59 8.80 -12.64
N GLY C 39 -16.78 8.47 -13.64
CA GLY C 39 -15.34 8.54 -13.43
C GLY C 39 -14.74 7.33 -12.74
N ASP C 40 -15.45 6.21 -12.69
CA ASP C 40 -14.95 5.01 -12.02
C ASP C 40 -14.45 4.01 -13.03
N PHE C 41 -13.27 3.44 -12.76
CA PHE C 41 -12.69 2.38 -13.57
C PHE C 41 -13.15 1.02 -13.04
N SER C 42 -13.46 0.10 -13.97
CA SER C 42 -13.71 -1.29 -13.62
C SER C 42 -12.96 -2.22 -14.57
N LEU C 43 -12.70 -3.43 -14.11
CA LEU C 43 -12.08 -4.44 -14.95
C LEU C 43 -13.15 -5.04 -15.86
N VAL C 44 -12.80 -5.30 -17.09
CA VAL C 44 -13.76 -5.90 -18.02
C VAL C 44 -13.75 -7.41 -17.88
N GLU C 45 -14.93 -8.00 -18.07
CA GLU C 45 -15.09 -9.46 -18.06
C GLU C 45 -15.06 -10.01 -19.50
N LYS D 13 8.69 38.91 -3.40
CA LYS D 13 9.03 39.43 -4.72
C LYS D 13 7.89 39.24 -5.73
N LYS D 14 7.66 40.24 -6.58
CA LYS D 14 6.55 40.15 -7.52
C LYS D 14 6.78 38.99 -8.48
N GLY D 15 5.77 38.11 -8.58
CA GLY D 15 5.86 36.93 -9.40
C GLY D 15 6.29 35.67 -8.69
N GLU D 16 6.64 35.74 -7.41
CA GLU D 16 7.12 34.57 -6.64
C GLU D 16 5.94 33.75 -6.10
N THR D 17 5.38 32.89 -6.95
CA THR D 17 4.31 31.99 -6.52
C THR D 17 4.90 30.89 -5.62
N THR D 18 4.09 29.88 -5.33
CA THR D 18 4.40 28.90 -4.28
C THR D 18 4.30 27.45 -4.82
N ASP D 19 5.08 27.16 -5.85
CA ASP D 19 4.99 25.88 -6.53
C ASP D 19 5.44 24.72 -5.63
N GLY D 20 4.80 23.57 -5.80
CA GLY D 20 5.20 22.41 -5.02
C GLY D 20 4.04 21.44 -4.89
N VAL D 21 4.27 20.40 -4.07
CA VAL D 21 3.25 19.40 -3.78
C VAL D 21 2.68 19.71 -2.40
N TYR D 22 1.36 19.53 -2.26
CA TYR D 22 0.62 19.95 -1.08
C TYR D 22 -0.27 18.81 -0.64
N ARG D 23 -0.40 18.65 0.67
CA ARG D 23 -1.43 17.82 1.28
C ARG D 23 -2.78 18.57 1.31
N VAL D 24 -3.87 17.82 1.14
CA VAL D 24 -5.23 18.36 1.31
C VAL D 24 -5.79 17.77 2.59
N MET D 25 -6.04 18.63 3.58
CA MET D 25 -6.40 18.25 4.95
C MET D 25 -7.83 18.71 5.29
N THR D 26 -8.45 17.97 6.22
CA THR D 26 -9.73 18.40 6.79
C THR D 26 -9.51 19.19 8.08
N LEU D 29 -11.59 19.09 13.37
CA LEU D 29 -13.02 18.83 13.46
C LEU D 29 -13.36 17.42 12.96
N LEU D 30 -12.87 17.08 11.77
CA LEU D 30 -13.14 15.78 11.16
C LEU D 30 -12.08 14.74 11.52
N GLY D 31 -10.93 15.20 12.01
CA GLY D 31 -9.87 14.30 12.42
C GLY D 31 -8.52 14.91 12.12
N SER D 32 -8.53 16.09 11.47
CA SER D 32 -7.32 16.71 10.92
C SER D 32 -6.68 15.76 9.91
N THR D 33 -7.52 15.14 9.08
CA THR D 33 -7.18 14.00 8.23
C THR D 33 -6.73 14.45 6.85
N GLN D 34 -5.71 13.77 6.31
CA GLN D 34 -5.30 14.02 4.92
C GLN D 34 -6.23 13.22 4.00
N VAL D 35 -7.05 13.94 3.22
CA VAL D 35 -7.93 13.31 2.24
C VAL D 35 -7.31 13.26 0.85
N GLY D 36 -6.23 14.01 0.62
CA GLY D 36 -5.59 13.95 -0.67
C GLY D 36 -4.36 14.83 -0.75
N VAL D 37 -3.93 15.06 -1.99
CA VAL D 37 -2.66 15.69 -2.35
C VAL D 37 -2.93 16.51 -3.62
N GLY D 38 -2.14 17.55 -3.85
CA GLY D 38 -2.25 18.26 -5.11
C GLY D 38 -0.97 18.96 -5.53
N VAL D 39 -0.99 19.52 -6.74
CA VAL D 39 0.20 20.13 -7.35
C VAL D 39 -0.09 21.61 -7.52
N MET D 40 0.76 22.45 -6.95
CA MET D 40 0.70 23.91 -7.15
C MET D 40 1.71 24.21 -8.23
N GLN D 41 1.26 24.74 -9.37
CA GLN D 41 2.16 25.02 -10.47
C GLN D 41 1.60 26.19 -11.27
N GLU D 42 2.44 27.17 -11.50
CA GLU D 42 2.06 28.35 -12.29
C GLU D 42 0.82 29.04 -11.71
N GLY D 43 0.71 29.04 -10.38
CA GLY D 43 -0.38 29.75 -9.73
C GLY D 43 -1.68 29.00 -9.67
N VAL D 44 -1.71 27.74 -10.09
CA VAL D 44 -2.92 26.93 -10.14
C VAL D 44 -2.72 25.66 -9.30
N PHE D 45 -3.75 25.32 -8.52
CA PHE D 45 -3.74 24.10 -7.72
C PHE D 45 -4.52 23.00 -8.44
N HIS D 46 -3.86 21.85 -8.65
CA HIS D 46 -4.35 20.71 -9.41
C HIS D 46 -4.54 19.51 -8.50
N THR D 47 -5.76 18.95 -8.43
CA THR D 47 -5.96 17.70 -7.66
C THR D 47 -7.04 16.87 -8.35
N MET D 48 -7.43 15.75 -7.74
CA MET D 48 -8.48 14.91 -8.32
C MET D 48 -9.84 15.30 -7.75
N TRP D 49 -10.86 15.24 -8.60
CA TRP D 49 -12.20 15.66 -8.18
C TRP D 49 -12.67 14.89 -6.96
N HIS D 50 -12.39 13.58 -6.90
CA HIS D 50 -12.94 12.82 -5.78
C HIS D 50 -12.33 13.21 -4.46
N VAL D 51 -11.22 13.96 -4.44
CA VAL D 51 -10.62 14.40 -3.19
C VAL D 51 -11.42 15.55 -2.59
N THR D 52 -11.76 16.57 -3.40
CA THR D 52 -12.42 17.77 -2.88
C THR D 52 -13.90 17.85 -3.23
N LYS D 53 -14.31 17.16 -4.28
CA LYS D 53 -15.66 17.27 -4.77
C LYS D 53 -15.96 18.70 -5.20
N GLY D 54 -14.92 19.43 -5.62
CA GLY D 54 -15.06 20.81 -6.05
C GLY D 54 -15.30 21.84 -4.96
N ALA D 55 -15.13 21.48 -3.69
CA ALA D 55 -15.32 22.46 -2.62
C ALA D 55 -14.14 23.42 -2.60
N ALA D 56 -14.38 24.62 -2.04
CA ALA D 56 -13.32 25.61 -1.91
C ALA D 56 -12.29 25.18 -0.85
N LEU D 57 -11.07 25.69 -1.00
CA LEU D 57 -9.96 25.35 -0.14
C LEU D 57 -9.42 26.63 0.50
N ARG D 58 -8.91 26.48 1.73
CA ARG D 58 -8.24 27.57 2.43
C ARG D 58 -6.73 27.34 2.36
N SER D 59 -5.99 28.44 2.38
CA SER D 59 -4.54 28.38 2.31
C SER D 59 -3.98 29.66 2.93
N GLY D 60 -2.66 29.82 2.88
CA GLY D 60 -2.06 31.05 3.34
C GLY D 60 -2.38 32.24 2.45
N GLU D 61 -2.46 32.01 1.13
CA GLU D 61 -2.84 33.03 0.16
C GLU D 61 -4.35 33.29 0.13
N GLY D 62 -5.09 32.83 1.13
CA GLY D 62 -6.53 33.09 1.21
C GLY D 62 -7.35 31.84 0.87
N ARG D 63 -8.38 32.03 0.06
CA ARG D 63 -9.29 30.96 -0.32
C ARG D 63 -9.08 30.62 -1.80
N LEU D 64 -9.13 29.33 -2.13
CA LEU D 64 -9.02 28.88 -3.50
C LEU D 64 -10.39 28.40 -3.99
N ASP D 65 -10.84 28.96 -5.10
CA ASP D 65 -12.10 28.59 -5.73
C ASP D 65 -11.87 27.69 -6.94
N PRO D 66 -12.72 26.68 -7.13
CA PRO D 66 -12.59 25.85 -8.33
C PRO D 66 -12.78 26.68 -9.58
N TYR D 67 -12.05 26.33 -10.61
CA TYR D 67 -12.08 27.03 -11.90
C TYR D 67 -12.46 26.12 -13.07
N TRP D 68 -12.03 24.86 -13.03
CA TRP D 68 -12.38 23.86 -14.04
C TRP D 68 -12.49 22.53 -13.32
N GLY D 69 -13.47 21.71 -13.69
CA GLY D 69 -13.49 20.35 -13.17
C GLY D 69 -14.29 19.45 -14.09
N ASP D 70 -14.03 18.15 -13.96
CA ASP D 70 -14.66 17.16 -14.81
C ASP D 70 -14.73 15.86 -14.02
N VAL D 71 -15.95 15.41 -13.72
CA VAL D 71 -16.12 14.24 -12.88
C VAL D 71 -15.60 13.00 -13.57
N LYS D 72 -15.80 12.88 -14.90
CA LYS D 72 -15.42 11.64 -15.56
C LYS D 72 -13.91 11.50 -15.63
N GLN D 73 -13.20 12.60 -15.91
CA GLN D 73 -11.74 12.54 -15.83
C GLN D 73 -11.23 12.49 -14.38
N ASP D 74 -12.08 12.86 -13.42
CA ASP D 74 -11.74 12.91 -11.98
C ASP D 74 -10.64 13.93 -11.70
N LEU D 75 -10.78 15.14 -12.24
CA LEU D 75 -9.79 16.19 -12.08
C LEU D 75 -10.45 17.53 -11.81
N VAL D 76 -9.72 18.40 -11.11
CA VAL D 76 -10.18 19.75 -10.79
C VAL D 76 -8.97 20.69 -10.65
N SER D 77 -9.11 21.93 -11.13
CA SER D 77 -8.13 22.98 -10.93
C SER D 77 -8.77 24.16 -10.21
N TYR D 78 -7.96 24.85 -9.41
CA TYR D 78 -8.34 26.00 -8.62
C TYR D 78 -7.46 27.20 -8.98
N CYS D 79 -8.07 28.39 -9.07
CA CYS D 79 -7.46 29.69 -9.29
C CYS D 79 -7.13 29.94 -10.76
N GLY D 80 -7.29 28.95 -11.63
CA GLY D 80 -6.97 29.11 -13.02
C GLY D 80 -7.14 27.79 -13.76
N PRO D 81 -6.84 27.80 -15.06
CA PRO D 81 -7.05 26.60 -15.87
C PRO D 81 -5.95 25.59 -15.62
N TRP D 82 -6.28 24.33 -15.95
CA TRP D 82 -5.35 23.22 -15.82
C TRP D 82 -4.03 23.52 -16.56
N LYS D 83 -2.90 23.41 -15.86
CA LYS D 83 -1.61 23.80 -16.43
C LYS D 83 -0.73 22.62 -16.86
N LEU D 84 -1.03 21.41 -16.46
CA LEU D 84 -0.08 20.31 -16.61
C LEU D 84 -0.37 19.57 -17.91
N ASP D 85 0.59 19.53 -18.82
CA ASP D 85 0.33 18.85 -20.08
C ASP D 85 1.48 17.98 -20.58
N ALA D 86 2.50 17.71 -19.76
CA ALA D 86 3.46 16.68 -20.15
C ALA D 86 2.74 15.33 -20.22
N ALA D 87 3.20 14.47 -21.12
CA ALA D 87 2.61 13.14 -21.29
C ALA D 87 3.69 12.08 -21.10
N TRP D 88 3.28 10.92 -20.57
CA TRP D 88 4.15 9.75 -20.58
C TRP D 88 4.48 9.42 -22.01
N ASP D 89 5.75 9.11 -22.25
CA ASP D 89 6.22 8.82 -23.59
C ASP D 89 5.95 7.39 -24.00
N GLY D 90 5.34 6.58 -23.12
CA GLY D 90 4.97 5.22 -23.48
C GLY D 90 6.09 4.21 -23.40
N LEU D 91 7.25 4.62 -22.95
CA LEU D 91 8.47 3.83 -23.08
C LEU D 91 9.39 3.93 -21.86
N SER D 92 9.42 5.08 -21.18
CA SER D 92 10.38 5.33 -20.12
C SER D 92 9.78 5.04 -18.74
N GLU D 93 10.67 4.76 -17.80
CA GLU D 93 10.29 4.70 -16.38
C GLU D 93 9.88 6.08 -15.88
N VAL D 94 8.98 6.09 -14.90
CA VAL D 94 8.45 7.30 -14.30
C VAL D 94 8.62 7.20 -12.78
N GLN D 95 8.29 8.29 -12.09
CA GLN D 95 8.36 8.33 -10.63
C GLN D 95 7.07 8.87 -10.05
N LEU D 96 6.46 8.10 -9.15
CA LEU D 96 5.40 8.62 -8.30
C LEU D 96 6.06 9.37 -7.17
N LEU D 97 5.70 10.64 -6.98
CA LEU D 97 6.09 11.39 -5.78
C LEU D 97 4.93 11.17 -4.81
N ALA D 98 4.99 10.07 -4.08
CA ALA D 98 3.94 9.72 -3.14
C ALA D 98 4.00 10.62 -1.92
N VAL D 99 2.84 11.15 -1.54
CA VAL D 99 2.73 11.92 -0.31
C VAL D 99 1.72 11.23 0.57
N PRO D 100 2.11 10.13 1.25
CA PRO D 100 1.14 9.40 2.07
C PRO D 100 0.75 10.19 3.30
N PRO D 101 -0.47 10.01 3.80
CA PRO D 101 -0.79 10.58 5.12
C PRO D 101 0.22 10.23 6.21
N GLY D 102 0.69 11.24 6.94
CA GLY D 102 1.56 10.99 8.06
C GLY D 102 2.99 10.65 7.71
N GLU D 103 3.38 10.72 6.44
CA GLU D 103 4.72 10.33 6.03
C GLU D 103 5.32 11.39 5.11
N ARG D 104 6.64 11.52 5.19
CA ARG D 104 7.37 12.38 4.28
C ARG D 104 7.14 11.96 2.84
N ALA D 105 7.04 12.93 1.95
CA ALA D 105 7.01 12.64 0.51
C ALA D 105 8.22 11.82 0.08
N LYS D 106 8.00 10.90 -0.85
CA LYS D 106 9.04 9.96 -1.25
C LYS D 106 8.84 9.57 -2.70
N ASN D 107 9.95 9.42 -3.42
CA ASN D 107 9.88 9.09 -4.85
C ASN D 107 10.01 7.59 -5.03
N ILE D 108 9.13 7.02 -5.87
CA ILE D 108 9.09 5.62 -6.22
C ILE D 108 9.14 5.53 -7.74
N GLN D 109 10.13 4.81 -8.26
CA GLN D 109 10.31 4.65 -9.70
C GLN D 109 9.64 3.36 -10.15
N THR D 110 9.06 3.40 -11.35
CA THR D 110 8.37 2.22 -11.87
C THR D 110 8.20 2.37 -13.38
N LEU D 111 8.02 1.22 -14.06
CA LEU D 111 7.61 1.22 -15.47
C LEU D 111 6.11 1.05 -15.55
N PRO D 112 5.37 1.98 -16.10
CA PRO D 112 3.90 1.83 -16.15
C PRO D 112 3.49 0.64 -17.00
N GLY D 113 2.37 0.03 -16.59
CA GLY D 113 1.59 -0.81 -17.47
C GLY D 113 0.62 0.06 -18.27
N ILE D 114 -0.47 -0.56 -18.73
CA ILE D 114 -1.43 0.07 -19.64
C ILE D 114 -2.86 -0.29 -19.25
N PHE D 115 -3.73 0.72 -19.14
CA PHE D 115 -5.18 0.55 -19.12
C PHE D 115 -5.67 0.59 -20.58
N LYS D 116 -6.24 -0.51 -21.06
CA LYS D 116 -6.71 -0.59 -22.44
C LYS D 116 -8.22 -0.36 -22.39
N THR D 117 -8.69 0.73 -22.99
CA THR D 117 -10.11 1.06 -22.95
C THR D 117 -10.63 1.16 -24.38
N LYS D 118 -11.97 1.15 -24.52
CA LYS D 118 -12.56 1.21 -25.85
C LYS D 118 -12.21 2.49 -26.59
N ASP D 119 -11.74 3.51 -25.87
CA ASP D 119 -11.41 4.81 -26.44
C ASP D 119 -9.92 5.07 -26.48
N GLY D 120 -9.08 4.06 -26.24
CA GLY D 120 -7.64 4.22 -26.33
C GLY D 120 -6.95 3.73 -25.09
N ASP D 121 -5.62 3.88 -25.09
CA ASP D 121 -4.73 3.36 -24.06
C ASP D 121 -4.21 4.49 -23.18
N ILE D 122 -4.06 4.20 -21.89
CA ILE D 122 -3.61 5.14 -20.86
C ILE D 122 -2.56 4.42 -20.05
N GLY D 123 -1.45 5.09 -19.75
CA GLY D 123 -0.49 4.53 -18.81
C GLY D 123 -1.10 4.34 -17.43
N ALA D 124 -0.54 3.38 -16.68
CA ALA D 124 -1.06 2.99 -15.38
C ALA D 124 0.09 2.51 -14.49
N VAL D 125 0.07 2.85 -13.20
CA VAL D 125 1.15 2.44 -12.30
C VAL D 125 0.63 1.47 -11.22
N ALA D 126 1.34 0.35 -11.06
CA ALA D 126 0.97 -0.68 -10.09
C ALA D 126 1.71 -0.40 -8.78
N LEU D 127 1.25 0.65 -8.09
CA LEU D 127 1.74 1.07 -6.79
C LEU D 127 0.55 1.29 -5.86
N ASP D 128 0.66 0.79 -4.63
CA ASP D 128 -0.46 0.70 -3.69
C ASP D 128 -0.18 1.58 -2.47
N TYR D 129 -0.89 2.71 -2.38
CA TYR D 129 -0.83 3.64 -1.25
C TYR D 129 -2.22 3.91 -0.71
N PRO D 130 -2.32 4.45 0.52
CA PRO D 130 -3.64 4.74 1.09
C PRO D 130 -4.40 5.80 0.30
N ALA D 131 -5.72 5.83 0.51
CA ALA D 131 -6.61 6.68 -0.30
C ALA D 131 -6.25 8.17 -0.21
N GLY D 132 -5.72 8.61 0.94
CA GLY D 132 -5.39 10.02 1.08
C GLY D 132 -4.13 10.44 0.35
N THR D 133 -3.49 9.50 -0.36
CA THR D 133 -2.37 9.77 -1.27
C THR D 133 -2.89 10.22 -2.64
N SER D 134 -4.21 10.08 -2.88
CA SER D 134 -4.82 10.50 -4.14
C SER D 134 -4.46 11.93 -4.47
N GLY D 135 -3.98 12.14 -5.70
CA GLY D 135 -3.57 13.44 -6.18
C GLY D 135 -2.07 13.63 -6.24
N SER D 136 -1.31 12.68 -5.70
CA SER D 136 0.14 12.75 -5.75
C SER D 136 0.61 12.75 -7.22
N PRO D 137 1.61 13.59 -7.55
CA PRO D 137 2.06 13.68 -8.96
C PRO D 137 2.95 12.51 -9.38
N ILE D 138 2.84 12.18 -10.65
CA ILE D 138 3.69 11.23 -11.35
C ILE D 138 4.52 12.03 -12.32
N LEU D 139 5.83 11.70 -12.42
CA LEU D 139 6.82 12.59 -13.03
C LEU D 139 7.58 11.86 -14.14
N ASP D 140 7.96 12.62 -15.19
CA ASP D 140 8.95 12.10 -16.12
C ASP D 140 10.37 12.48 -15.67
N LYS D 141 11.38 12.01 -16.42
CA LYS D 141 12.76 12.19 -16.00
C LYS D 141 13.17 13.67 -15.93
N SER D 142 12.44 14.54 -16.62
CA SER D 142 12.65 15.97 -16.63
C SER D 142 12.08 16.65 -15.38
N GLY D 143 11.41 15.90 -14.52
CA GLY D 143 10.75 16.51 -13.39
C GLY D 143 9.38 17.09 -13.69
N ARG D 144 8.84 16.87 -14.89
CA ARG D 144 7.53 17.40 -15.28
C ARG D 144 6.42 16.45 -14.85
N VAL D 145 5.27 17.03 -14.50
CA VAL D 145 4.15 16.24 -14.00
C VAL D 145 3.37 15.67 -15.20
N ILE D 146 3.40 14.34 -15.35
CA ILE D 146 2.71 13.70 -16.46
C ILE D 146 1.32 13.20 -16.08
N GLY D 147 0.91 13.37 -14.84
CA GLY D 147 -0.46 13.11 -14.42
C GLY D 147 -0.51 12.91 -12.91
N LEU D 148 -1.72 12.64 -12.41
CA LEU D 148 -1.93 12.44 -11.00
C LEU D 148 -2.36 11.00 -10.71
N TYR D 149 -1.93 10.53 -9.53
CA TYR D 149 -2.18 9.19 -9.00
C TYR D 149 -3.43 9.13 -8.14
N GLY D 150 -4.20 8.05 -8.29
CA GLY D 150 -5.34 7.87 -7.41
C GLY D 150 -6.70 7.51 -7.97
N ASN D 151 -6.84 7.34 -9.29
CA ASN D 151 -8.08 6.85 -9.87
C ASN D 151 -7.73 5.58 -10.63
N GLY D 152 -8.28 4.47 -10.19
CA GLY D 152 -7.87 3.19 -10.75
C GLY D 152 -8.74 2.03 -10.36
N VAL D 153 -8.14 0.85 -10.27
CA VAL D 153 -8.87 -0.38 -10.05
C VAL D 153 -8.13 -1.25 -9.02
N VAL D 154 -8.91 -1.99 -8.24
CA VAL D 154 -8.36 -3.02 -7.36
C VAL D 154 -8.43 -4.35 -8.10
N ILE D 155 -7.30 -5.09 -8.12
CA ILE D 155 -7.29 -6.35 -8.89
C ILE D 155 -7.47 -7.53 -7.95
N LYS D 156 -7.45 -8.73 -8.53
CA LYS D 156 -7.92 -9.93 -7.85
C LYS D 156 -7.11 -10.27 -6.59
N ASN D 157 -5.81 -9.99 -6.58
CA ASN D 157 -4.99 -10.35 -5.42
C ASN D 157 -5.01 -9.28 -4.34
N GLY D 158 -5.86 -8.26 -4.50
CA GLY D 158 -6.03 -7.26 -3.48
C GLY D 158 -5.25 -6.00 -3.72
N SER D 159 -4.31 -6.01 -4.68
CA SER D 159 -3.51 -4.83 -4.95
C SER D 159 -4.24 -3.84 -5.85
N TYR D 160 -3.55 -2.76 -6.14
CA TYR D 160 -4.15 -1.59 -6.76
C TYR D 160 -3.32 -1.15 -7.95
N VAL D 161 -4.02 -0.72 -9.01
CA VAL D 161 -3.36 -0.12 -10.17
C VAL D 161 -4.07 1.21 -10.47
N SER D 162 -3.29 2.31 -10.49
CA SER D 162 -3.78 3.67 -10.76
C SER D 162 -3.54 4.07 -12.20
N ALA D 163 -4.54 4.65 -12.84
CA ALA D 163 -4.29 5.37 -14.09
C ALA D 163 -3.30 6.50 -13.82
N ILE D 164 -2.56 6.87 -14.86
CA ILE D 164 -1.80 8.13 -14.91
C ILE D 164 -2.77 9.16 -15.50
N THR D 165 -3.50 9.88 -14.63
CA THR D 165 -4.62 10.72 -15.08
C THR D 165 -4.07 12.10 -15.37
N GLN D 166 -4.21 12.56 -16.61
CA GLN D 166 -3.71 13.88 -17.01
C GLN D 166 -4.84 14.68 -17.66
N GLY D 167 -4.80 16.00 -17.43
CA GLY D 167 -5.78 16.91 -18.01
C GLY D 167 -5.22 17.58 -19.27
N LYS D 168 -5.94 18.60 -19.73
CA LYS D 168 -5.57 19.27 -20.98
C LYS D 168 -5.31 20.74 -20.69
N ARG D 169 -4.20 21.24 -21.22
CA ARG D 169 -3.90 22.67 -21.16
C ARG D 169 -4.46 23.37 -22.40
N GLU D 170 -5.38 24.32 -22.19
CA GLU D 170 -6.05 25.00 -23.30
C GLU D 170 -5.26 26.21 -23.81
C4 A1CD2 E . -7.75 2.22 -2.16
C5 A1CD2 E . -9.28 2.13 -1.93
C6 A1CD2 E . -9.45 2.92 -3.23
C8 A1CD2 E . -7.99 3.42 -3.11
C10 A1CD2 E . -7.52 5.83 -3.70
C13 A1CD2 E . -6.89 3.29 -4.17
C1 A1CD2 E . -5.59 0.32 -0.79
C12 A1CD2 E . -5.73 4.17 -3.74
C2 A1CD2 E . -5.57 1.76 -1.27
C9 A1CD2 E . -8.03 4.88 -2.64
N11 A1CD2 E . -6.08 5.60 -3.95
O3 A1CD2 E . -6.85 2.39 -1.05
O7 A1CD2 E . -9.82 2.13 -4.36
H4 A1CD2 E . -7.44 1.44 -2.65
H5A A1CD2 E . -9.60 2.59 -1.13
H5B A1CD2 E . -9.64 1.22 -1.94
H6 A1CD2 E . -10.10 3.65 -3.16
H10A A1CD2 E . -7.98 5.70 -4.56
H10B A1CD2 E . -7.63 6.76 -3.43
H13B A1CD2 E . -6.60 2.36 -4.26
H13A A1CD2 E . -7.22 3.56 -5.05
H1C A1CD2 E . -4.70 -0.08 -0.86
H1B A1CD2 E . -6.22 -0.21 -1.32
H1A A1CD2 E . -5.88 0.27 0.15
H12A A1CD2 E . -4.93 4.00 -4.27
H12B A1CD2 E . -5.52 4.07 -2.79
H2B A1CD2 E . -5.36 1.79 -2.22
H2A A1CD2 E . -4.89 2.26 -0.76
H9B A1CD2 E . -7.50 4.98 -1.82
H9A A1CD2 E . -8.95 5.13 -2.39
H11B A1CD2 E . -5.59 6.11 -3.40
H7 A1CD2 E . -9.09 1.84 -4.70
#